data_8K2L
#
_entry.id   8K2L
#
_cell.length_a   119.116
_cell.length_b   60.375
_cell.length_c   100.285
_cell.angle_alpha   90.00
_cell.angle_beta   120.08
_cell.angle_gamma   90.00
#
_symmetry.space_group_name_H-M   'C 1 2 1'
#
loop_
_entity.id
_entity.type
_entity.pdbx_description
1 polymer 'Monosaccharide-releasing beta-N-acetylgalactosaminidase'
2 non-polymer 'BROMIDE ION'
3 water water
#
_entity_poly.entity_id   1
_entity_poly.type   'polypeptide(L)'
_entity_poly.pdbx_seq_one_letter_code
;GPGLIRWSQVDEEGDTIMLEELPDFETRCLSSLSKVFADAELHDLPVNTGSAMWKEVFSFQVAYRSPQLIKSLKISAESE
LEPYLAIRAVGLSPSELPVFPNPDEGYIRTAPGLYPDPLYPLADGVHAVPNQWRSVWVTVSLPSMSEFIPAADIGAESVS
FPIDLCFEDGKGNHLGAEKFALEIIFQELPEQTLLHTEWFHSDCIATQYKVEVFSEAHWKLIESYVHNAVNHGVNMLLTP
LFTPPLDTYVGGERPTVQLIDVEITGVNEYRFKFDRLERWVEMCQRLGIQFIEFSHLFTQWGAKYAPKIIAKKDGEEKRI
FGWDTEASGESYSLFLDQFLPQLVHFIRNHHLDDKVFFHVSDEPGMKHAESYRQASDILNKHLAGFSILDALSDYDFYEK
GLVQIPVPSNDQIEPFIEHGVEPLWTYYCCGQDHHVSNRFFSLSSPRNRVLGAQLYKFGVQGFLHWGFNFWYSQYSKKVI
DPFKVTDADCAFPSGDPFVVYPGADGPLDSIRWEVFREGLQDLRALKLLEALAGREKTLALLEQNLREELTFKSFPDDIE
WLLSTREKINRAIKDAYRADR
;
_entity_poly.pdbx_strand_id   A
#
# COMPACT_ATOMS: atom_id res chain seq x y z
N GLU A 21 -21.27 -41.73 6.19
CA GLU A 21 -20.20 -41.65 5.14
C GLU A 21 -19.99 -40.17 4.80
N LEU A 22 -18.74 -39.82 4.49
CA LEU A 22 -18.27 -38.44 4.55
C LEU A 22 -18.81 -37.67 3.34
N PRO A 23 -18.88 -36.33 3.41
CA PRO A 23 -19.17 -35.56 2.20
C PRO A 23 -18.01 -35.67 1.18
N ASP A 24 -18.36 -35.55 -0.09
CA ASP A 24 -17.37 -35.32 -1.12
C ASP A 24 -16.63 -33.99 -0.83
N PHE A 25 -15.36 -33.94 -1.24
CA PHE A 25 -14.51 -32.80 -0.98
C PHE A 25 -13.37 -32.75 -1.97
N GLU A 26 -13.19 -31.63 -2.67
CA GLU A 26 -12.11 -31.47 -3.63
C GLU A 26 -11.28 -30.24 -3.30
N THR A 27 -9.98 -30.33 -3.59
CA THR A 27 -9.01 -29.27 -3.39
C THR A 27 -8.24 -28.96 -4.66
N ARG A 28 -7.63 -27.74 -4.73
CA ARG A 28 -6.73 -27.39 -5.81
C ARG A 28 -5.75 -26.40 -5.24
N CYS A 29 -4.44 -26.75 -5.32
CA CYS A 29 -3.43 -25.80 -4.87
C CYS A 29 -3.19 -24.76 -5.96
N LEU A 30 -3.10 -23.48 -5.57
CA LEU A 30 -3.00 -22.37 -6.50
C LEU A 30 -1.92 -21.40 -6.03
N SER A 31 -1.47 -20.55 -6.94
CA SER A 31 -0.56 -19.44 -6.60
C SER A 31 -1.33 -18.32 -5.89
N SER A 32 -0.56 -17.41 -5.31
CA SER A 32 -1.02 -16.10 -4.81
C SER A 32 -1.74 -15.23 -5.82
N LEU A 33 -1.71 -15.55 -7.15
CA LEU A 33 -2.20 -14.67 -8.15
C LEU A 33 -3.63 -15.06 -8.61
N SER A 34 -4.18 -16.19 -8.10
CA SER A 34 -5.57 -16.54 -8.38
C SER A 34 -6.48 -15.71 -7.47
N LYS A 35 -7.66 -15.35 -8.01
CA LYS A 35 -8.79 -14.88 -7.17
C LYS A 35 -9.94 -15.88 -7.34
N VAL A 36 -10.26 -16.60 -6.30
CA VAL A 36 -11.25 -17.66 -6.33
C VAL A 36 -12.63 -17.10 -5.93
N PHE A 37 -13.56 -17.06 -6.88
CA PHE A 37 -14.93 -16.59 -6.66
C PHE A 37 -15.81 -17.74 -6.24
N ALA A 38 -16.75 -17.47 -5.36
CA ALA A 38 -17.63 -18.49 -4.81
C ALA A 38 -18.85 -18.75 -5.68
N ASP A 39 -19.05 -17.96 -6.74
CA ASP A 39 -20.22 -18.11 -7.59
C ASP A 39 -19.85 -18.63 -8.97
N ALA A 40 -18.67 -19.17 -9.19
CA ALA A 40 -18.25 -19.53 -10.53
C ALA A 40 -17.46 -20.83 -10.51
N GLU A 41 -17.38 -21.46 -11.68
CA GLU A 41 -16.45 -22.58 -11.84
C GLU A 41 -15.00 -22.05 -11.70
N LEU A 42 -14.10 -22.96 -11.32
CA LEU A 42 -12.68 -22.64 -11.17
C LEU A 42 -11.90 -23.20 -12.37
N HIS A 43 -11.35 -22.32 -13.18
CA HIS A 43 -10.64 -22.69 -14.39
C HIS A 43 -9.14 -22.74 -14.17
N ASP A 44 -8.67 -22.12 -13.07
CA ASP A 44 -7.25 -21.90 -12.83
C ASP A 44 -6.55 -23.27 -12.78
N LEU A 45 -5.32 -23.29 -13.26
CA LEU A 45 -4.56 -24.54 -13.27
C LEU A 45 -3.79 -24.68 -11.95
N PRO A 46 -3.62 -25.93 -11.46
CA PRO A 46 -2.94 -26.18 -10.20
C PRO A 46 -1.49 -25.76 -10.23
N VAL A 47 -1.05 -25.21 -9.09
CA VAL A 47 0.33 -24.75 -8.89
C VAL A 47 0.80 -25.36 -7.59
N ASN A 48 1.84 -26.20 -7.63
CA ASN A 48 2.20 -26.92 -6.41
C ASN A 48 3.70 -26.74 -6.09
N THR A 49 4.37 -25.78 -6.75
CA THR A 49 5.79 -25.53 -6.59
C THR A 49 6.00 -24.04 -6.71
N GLY A 50 7.12 -23.56 -6.14
CA GLY A 50 7.58 -22.20 -6.28
C GLY A 50 8.96 -22.06 -5.62
N SER A 51 9.49 -20.86 -5.72
CA SER A 51 10.79 -20.50 -5.12
C SER A 51 10.76 -19.12 -4.48
N ALA A 52 11.71 -18.90 -3.56
CA ALA A 52 11.78 -17.69 -2.77
C ALA A 52 13.20 -17.53 -2.24
N MET A 53 13.51 -16.32 -1.81
CA MET A 53 14.79 -16.00 -1.17
C MET A 53 14.61 -15.82 0.33
N TRP A 54 15.73 -15.79 1.07
CA TRP A 54 15.68 -15.42 2.46
C TRP A 54 15.13 -14.02 2.61
N LYS A 55 14.39 -13.79 3.71
CA LYS A 55 13.69 -12.58 4.02
C LYS A 55 12.55 -12.25 3.04
N GLU A 56 12.09 -13.19 2.28
CA GLU A 56 10.96 -12.93 1.39
C GLU A 56 9.69 -13.51 2.05
N VAL A 57 8.54 -12.88 1.78
CA VAL A 57 7.27 -13.47 2.17
C VAL A 57 6.74 -14.16 0.91
N PHE A 58 6.60 -15.49 1.02
CA PHE A 58 6.07 -16.34 -0.03
C PHE A 58 4.66 -16.80 0.33
N SER A 59 3.71 -16.67 -0.62
CA SER A 59 2.30 -16.98 -0.36
C SER A 59 1.73 -17.90 -1.43
N PHE A 60 0.81 -18.76 -0.99
CA PHE A 60 0.01 -19.54 -1.91
C PHE A 60 -1.34 -19.82 -1.29
N GLN A 61 -2.25 -20.43 -2.06
CA GLN A 61 -3.57 -20.75 -1.52
C GLN A 61 -4.06 -22.11 -1.92
N VAL A 62 -5.03 -22.64 -1.16
CA VAL A 62 -5.65 -23.88 -1.59
C VAL A 62 -7.17 -23.64 -1.67
N ALA A 63 -7.73 -23.83 -2.88
CA ALA A 63 -9.17 -23.78 -3.08
C ALA A 63 -9.79 -25.13 -2.70
N TYR A 64 -11.04 -25.11 -2.23
CA TYR A 64 -11.72 -26.33 -1.84
C TYR A 64 -13.21 -26.14 -2.08
N ARG A 65 -13.89 -27.26 -2.37
CA ARG A 65 -15.32 -27.27 -2.67
C ARG A 65 -15.92 -28.58 -2.15
N SER A 66 -17.13 -28.51 -1.55
CA SER A 66 -17.94 -29.68 -1.26
C SER A 66 -19.37 -29.46 -1.76
N PRO A 67 -20.13 -30.51 -2.14
CA PRO A 67 -21.57 -30.35 -2.37
C PRO A 67 -22.36 -30.09 -1.10
N GLN A 68 -21.78 -30.40 0.07
CA GLN A 68 -22.43 -30.24 1.36
C GLN A 68 -21.99 -28.96 2.07
N LEU A 69 -22.78 -28.63 3.09
CA LEU A 69 -22.41 -27.61 4.06
C LEU A 69 -21.62 -28.33 5.15
N ILE A 70 -20.36 -27.94 5.33
CA ILE A 70 -19.48 -28.50 6.36
C ILE A 70 -18.97 -27.34 7.22
N LYS A 71 -19.41 -27.28 8.47
CA LYS A 71 -19.05 -26.17 9.34
C LYS A 71 -17.79 -26.44 10.15
N SER A 72 -16.99 -25.39 10.39
CA SER A 72 -15.86 -25.40 11.30
C SER A 72 -14.86 -26.52 10.99
N LEU A 73 -14.40 -26.52 9.74
CA LEU A 73 -13.32 -27.38 9.26
C LEU A 73 -12.10 -27.15 10.14
N LYS A 74 -11.31 -28.21 10.26
CA LYS A 74 -10.05 -28.14 10.98
C LYS A 74 -8.94 -28.19 9.93
N ILE A 75 -8.24 -27.09 9.76
CA ILE A 75 -7.20 -26.98 8.73
C ILE A 75 -5.86 -26.79 9.42
N SER A 76 -4.87 -27.55 8.95
CA SER A 76 -3.55 -27.53 9.57
C SER A 76 -2.47 -27.72 8.52
N ALA A 77 -1.23 -27.26 8.85
CA ALA A 77 -0.10 -27.50 7.97
C ALA A 77 0.95 -28.29 8.74
N GLU A 78 1.66 -29.12 7.98
CA GLU A 78 2.82 -29.83 8.52
C GLU A 78 4.01 -29.56 7.63
N SER A 79 5.07 -29.01 8.23
CA SER A 79 6.23 -28.52 7.53
C SER A 79 7.32 -28.24 8.55
N GLU A 80 8.56 -28.35 8.10
CA GLU A 80 9.67 -27.72 8.81
C GLU A 80 9.55 -26.19 8.85
N LEU A 81 8.78 -25.61 7.90
CA LEU A 81 8.57 -24.16 7.88
C LEU A 81 7.42 -23.70 8.79
N GLU A 82 6.83 -24.60 9.60
CA GLU A 82 5.73 -24.27 10.51
C GLU A 82 6.01 -23.03 11.36
N PRO A 83 7.20 -22.76 11.94
CA PRO A 83 7.41 -21.51 12.67
C PRO A 83 7.16 -20.23 11.86
N TYR A 84 7.22 -20.29 10.53
CA TYR A 84 7.12 -19.11 9.67
C TYR A 84 5.78 -19.02 8.92
N LEU A 85 4.84 -19.94 9.24
CA LEU A 85 3.69 -20.17 8.39
C LEU A 85 2.44 -19.69 9.11
N ALA A 86 1.54 -19.02 8.38
CA ALA A 86 0.18 -18.70 8.84
C ALA A 86 -0.84 -19.15 7.80
N ILE A 87 -2.04 -19.53 8.27
CA ILE A 87 -3.11 -19.92 7.40
C ILE A 87 -4.27 -18.97 7.75
N ARG A 88 -4.87 -18.33 6.71
CA ARG A 88 -6.07 -17.50 6.88
C ARG A 88 -7.16 -17.91 5.89
N ALA A 89 -8.42 -17.59 6.23
CA ALA A 89 -9.54 -17.79 5.28
C ALA A 89 -9.69 -16.58 4.36
N VAL A 90 -9.87 -16.86 3.03
CA VAL A 90 -10.23 -15.80 2.10
C VAL A 90 -11.74 -15.52 2.19
N GLY A 91 -12.09 -14.37 2.82
CA GLY A 91 -13.46 -13.90 2.92
C GLY A 91 -13.94 -13.17 1.69
N LEU A 92 -15.25 -12.93 1.65
CA LEU A 92 -15.88 -12.27 0.52
C LEU A 92 -16.34 -10.88 0.96
N SER A 93 -16.08 -9.87 0.14
CA SER A 93 -16.59 -8.52 0.41
C SER A 93 -17.55 -8.11 -0.68
N PRO A 94 -18.53 -7.27 -0.33
CA PRO A 94 -19.42 -6.71 -1.35
C PRO A 94 -18.74 -5.60 -2.10
N SER A 95 -19.14 -5.46 -3.38
CA SER A 95 -18.78 -4.33 -4.21
C SER A 95 -20.06 -3.93 -4.97
N GLU A 96 -20.51 -2.70 -4.73
CA GLU A 96 -21.59 -2.13 -5.53
C GLU A 96 -21.07 -1.37 -6.73
N LEU A 97 -19.84 -0.75 -6.62
CA LEU A 97 -19.25 -0.08 -7.77
C LEU A 97 -17.91 -0.79 -8.08
N PRO A 98 -17.91 -1.97 -8.73
CA PRO A 98 -16.66 -2.64 -9.12
C PRO A 98 -15.88 -1.91 -10.20
N VAL A 99 -16.60 -1.16 -11.07
CA VAL A 99 -16.01 -0.55 -12.28
C VAL A 99 -16.58 0.86 -12.51
N PHE A 100 -15.76 1.69 -13.15
CA PHE A 100 -16.26 2.92 -13.76
C PHE A 100 -16.89 2.54 -15.10
N PRO A 101 -17.65 3.43 -15.80
CA PRO A 101 -18.15 3.06 -17.13
C PRO A 101 -17.05 2.59 -18.08
N ASN A 102 -17.38 1.62 -18.96
CA ASN A 102 -16.56 1.25 -20.11
C ASN A 102 -15.21 0.69 -19.63
N PRO A 103 -15.22 -0.31 -18.71
CA PRO A 103 -13.99 -1.03 -18.32
C PRO A 103 -13.33 -1.72 -19.50
N ASP A 104 -11.98 -1.63 -19.58
CA ASP A 104 -11.24 -2.31 -20.61
C ASP A 104 -11.43 -3.83 -20.49
N GLU A 105 -10.97 -4.52 -21.53
CA GLU A 105 -11.16 -5.96 -21.64
C GLU A 105 -10.35 -6.79 -20.63
N GLY A 106 -9.38 -6.18 -19.95
CA GLY A 106 -8.59 -6.91 -18.95
C GLY A 106 -9.25 -7.05 -17.58
N TYR A 107 -10.41 -6.40 -17.31
CA TYR A 107 -11.13 -6.59 -16.05
C TYR A 107 -11.57 -8.03 -15.94
N ILE A 108 -11.50 -8.60 -14.73
CA ILE A 108 -11.81 -10.02 -14.53
C ILE A 108 -13.33 -10.22 -14.39
N ARG A 109 -14.02 -9.18 -14.01
CA ARG A 109 -15.47 -9.17 -13.91
C ARG A 109 -15.95 -7.70 -13.94
N THR A 110 -17.25 -7.45 -14.19
CA THR A 110 -17.77 -6.09 -14.17
C THR A 110 -19.04 -5.97 -13.29
N ALA A 111 -19.60 -7.05 -12.79
CA ALA A 111 -20.89 -6.99 -12.12
C ALA A 111 -20.69 -6.78 -10.61
N PRO A 112 -21.62 -6.02 -9.99
CA PRO A 112 -21.65 -5.94 -8.52
C PRO A 112 -21.91 -7.33 -7.94
N GLY A 113 -21.40 -7.58 -6.72
CA GLY A 113 -21.44 -8.90 -6.14
C GLY A 113 -20.50 -9.05 -4.96
N LEU A 114 -20.13 -10.28 -4.68
CA LEU A 114 -19.20 -10.60 -3.60
C LEU A 114 -17.89 -11.06 -4.26
N TYR A 115 -16.80 -10.42 -3.83
CA TYR A 115 -15.44 -10.59 -4.37
C TYR A 115 -14.54 -11.13 -3.24
N PRO A 116 -13.63 -12.08 -3.52
CA PRO A 116 -12.63 -12.50 -2.53
C PRO A 116 -11.68 -11.31 -2.22
N ASP A 117 -11.49 -11.01 -0.95
CA ASP A 117 -10.63 -9.92 -0.56
C ASP A 117 -10.04 -10.07 0.83
N PRO A 118 -10.84 -9.90 1.94
CA PRO A 118 -10.31 -9.91 3.30
C PRO A 118 -9.71 -11.24 3.70
N LEU A 119 -8.67 -11.19 4.53
CA LEU A 119 -8.06 -12.42 5.04
C LEU A 119 -8.31 -12.51 6.54
N TYR A 120 -9.07 -13.56 6.94
CA TYR A 120 -9.50 -13.71 8.32
C TYR A 120 -8.69 -14.79 9.06
N PRO A 121 -8.44 -14.58 10.38
CA PRO A 121 -7.77 -15.63 11.19
C PRO A 121 -8.62 -16.92 11.13
N LEU A 122 -7.94 -18.06 11.07
CA LEU A 122 -8.59 -19.37 11.01
C LEU A 122 -9.40 -19.64 12.27
N ALA A 123 -8.88 -19.17 13.42
CA ALA A 123 -9.58 -19.18 14.71
C ALA A 123 -10.99 -18.59 14.59
N ASP A 124 -11.28 -17.72 13.61
CA ASP A 124 -12.62 -17.16 13.38
C ASP A 124 -13.60 -18.18 12.79
N GLY A 125 -13.13 -19.36 12.34
CA GLY A 125 -14.01 -20.43 11.85
C GLY A 125 -14.00 -20.48 10.32
N VAL A 126 -13.89 -21.70 9.73
CA VAL A 126 -13.78 -21.82 8.28
C VAL A 126 -14.77 -22.88 7.82
N HIS A 127 -15.58 -22.61 6.80
CA HIS A 127 -16.65 -23.54 6.40
C HIS A 127 -16.55 -23.88 4.92
N ALA A 128 -17.04 -25.07 4.55
CA ALA A 128 -17.34 -25.44 3.17
C ALA A 128 -18.81 -25.15 2.93
N VAL A 129 -19.15 -24.48 1.82
CA VAL A 129 -20.50 -23.98 1.60
C VAL A 129 -20.98 -24.64 0.32
N PRO A 130 -22.22 -25.18 0.24
CA PRO A 130 -22.58 -26.12 -0.83
C PRO A 130 -22.29 -25.63 -2.23
N ASN A 131 -21.54 -26.42 -2.97
CA ASN A 131 -21.21 -26.11 -4.34
C ASN A 131 -20.57 -24.73 -4.55
N GLN A 132 -19.76 -24.25 -3.59
CA GLN A 132 -19.01 -23.02 -3.79
C GLN A 132 -17.51 -23.33 -3.64
N TRP A 133 -16.68 -22.84 -4.53
CA TRP A 133 -15.23 -22.83 -4.26
C TRP A 133 -14.94 -21.74 -3.23
N ARG A 134 -14.23 -22.08 -2.16
CA ARG A 134 -13.65 -21.13 -1.22
C ARG A 134 -12.13 -21.38 -1.15
N SER A 135 -11.42 -20.56 -0.39
CA SER A 135 -9.96 -20.68 -0.38
C SER A 135 -9.44 -20.39 1.01
N VAL A 136 -8.31 -21.08 1.32
CA VAL A 136 -7.46 -20.69 2.43
C VAL A 136 -6.08 -20.26 1.92
N TRP A 137 -5.57 -19.17 2.52
CA TRP A 137 -4.37 -18.47 2.09
C TRP A 137 -3.22 -18.81 3.04
N VAL A 138 -2.05 -19.13 2.49
CA VAL A 138 -0.90 -19.56 3.29
C VAL A 138 0.22 -18.55 3.10
N THR A 139 0.72 -18.01 4.22
CA THR A 139 1.78 -17.00 4.22
C THR A 139 2.99 -17.64 4.94
N VAL A 140 4.10 -17.64 4.24
CA VAL A 140 5.39 -18.11 4.74
C VAL A 140 6.35 -16.92 4.77
N SER A 141 6.60 -16.39 5.97
CA SER A 141 7.44 -15.23 6.18
C SER A 141 8.85 -15.69 6.52
N LEU A 142 9.71 -15.73 5.50
CA LEU A 142 11.03 -16.36 5.71
C LEU A 142 11.98 -15.40 6.45
N PRO A 143 12.81 -15.91 7.41
CA PRO A 143 13.77 -15.06 8.15
C PRO A 143 15.06 -14.88 7.32
N SER A 144 16.12 -14.30 7.91
CA SER A 144 17.45 -14.46 7.34
C SER A 144 17.90 -15.92 7.48
N MET A 145 18.93 -16.25 6.70
CA MET A 145 19.52 -17.58 6.76
C MET A 145 20.09 -17.87 8.16
N SER A 146 20.71 -16.87 8.81
CA SER A 146 21.39 -17.08 10.06
C SER A 146 20.37 -17.27 11.20
N GLU A 147 19.11 -16.81 11.05
CA GLU A 147 18.09 -17.03 12.07
C GLU A 147 17.22 -18.26 11.85
N PHE A 148 17.35 -18.93 10.70
CA PHE A 148 16.48 -20.03 10.30
C PHE A 148 16.66 -21.15 11.29
N ILE A 149 15.55 -21.70 11.76
CA ILE A 149 15.65 -22.74 12.79
C ILE A 149 16.01 -24.13 12.27
N PRO A 150 15.33 -24.64 11.22
CA PRO A 150 15.72 -25.96 10.69
C PRO A 150 17.18 -26.00 10.20
N ALA A 151 17.79 -27.19 10.27
CA ALA A 151 19.13 -27.44 9.73
C ALA A 151 19.09 -27.21 8.23
N ALA A 152 20.12 -26.54 7.72
CA ALA A 152 20.19 -26.24 6.30
C ALA A 152 21.65 -26.06 5.93
N ASP A 153 22.06 -26.73 4.83
CA ASP A 153 23.44 -26.69 4.43
C ASP A 153 23.79 -25.31 3.87
N ILE A 154 24.66 -24.60 4.60
CA ILE A 154 25.10 -23.23 4.32
C ILE A 154 25.82 -23.17 2.98
N GLY A 155 26.36 -24.31 2.51
CA GLY A 155 26.98 -24.38 1.20
C GLY A 155 26.03 -24.73 0.06
N ALA A 156 24.71 -24.88 0.28
CA ALA A 156 23.87 -25.33 -0.83
C ALA A 156 23.40 -24.08 -1.58
N GLU A 157 23.09 -24.23 -2.86
CA GLU A 157 22.51 -23.16 -3.67
C GLU A 157 21.05 -22.90 -3.27
N SER A 158 20.35 -23.97 -2.82
CA SER A 158 18.94 -23.89 -2.43
C SER A 158 18.56 -25.18 -1.74
N VAL A 159 17.46 -25.16 -0.96
CA VAL A 159 16.92 -26.36 -0.36
C VAL A 159 15.40 -26.29 -0.50
N SER A 160 14.74 -27.42 -0.78
CA SER A 160 13.29 -27.51 -0.93
C SER A 160 12.66 -28.04 0.33
N PHE A 161 11.54 -27.43 0.71
CA PHE A 161 10.81 -27.85 1.89
C PHE A 161 9.38 -28.17 1.51
N PRO A 162 8.84 -29.36 1.83
CA PRO A 162 7.42 -29.59 1.60
C PRO A 162 6.61 -28.84 2.65
N ILE A 163 5.43 -28.36 2.18
CA ILE A 163 4.38 -27.88 3.06
C ILE A 163 3.09 -28.67 2.74
N ASP A 164 2.59 -29.41 3.72
CA ASP A 164 1.42 -30.27 3.53
C ASP A 164 0.27 -29.57 4.23
N LEU A 165 -0.80 -29.24 3.49
CA LEU A 165 -2.02 -28.68 4.08
C LEU A 165 -3.10 -29.73 4.19
N CYS A 166 -3.74 -29.85 5.38
CA CYS A 166 -4.65 -30.95 5.70
C CYS A 166 -6.03 -30.37 6.06
N PHE A 167 -7.09 -30.94 5.48
CA PHE A 167 -8.45 -30.54 5.78
C PHE A 167 -9.14 -31.73 6.45
N GLU A 168 -9.76 -31.44 7.60
CA GLU A 168 -10.56 -32.43 8.32
C GLU A 168 -11.85 -31.79 8.75
N ASP A 169 -12.87 -32.61 9.04
CA ASP A 169 -14.13 -32.05 9.49
C ASP A 169 -13.99 -31.75 10.99
N GLY A 170 -15.04 -31.25 11.62
CA GLY A 170 -15.07 -31.02 13.07
C GLY A 170 -14.67 -32.24 13.92
N LYS A 171 -15.02 -33.45 13.47
CA LYS A 171 -14.87 -34.64 14.30
C LYS A 171 -13.70 -35.52 13.84
N GLY A 172 -12.72 -34.95 13.13
CA GLY A 172 -11.44 -35.61 12.94
C GLY A 172 -11.38 -36.48 11.70
N ASN A 173 -12.42 -36.56 10.87
CA ASN A 173 -12.28 -37.30 9.61
C ASN A 173 -11.48 -36.50 8.57
N HIS A 174 -10.57 -37.18 7.84
CA HIS A 174 -9.83 -36.56 6.74
C HIS A 174 -10.75 -36.22 5.57
N LEU A 175 -10.69 -34.97 5.03
CA LEU A 175 -11.44 -34.59 3.83
C LEU A 175 -10.53 -34.37 2.62
N GLY A 176 -9.34 -33.81 2.79
CA GLY A 176 -8.47 -33.56 1.66
C GLY A 176 -7.11 -33.07 2.13
N ALA A 177 -6.24 -32.84 1.17
CA ALA A 177 -4.87 -32.42 1.45
C ALA A 177 -4.25 -31.92 0.17
N GLU A 178 -3.23 -31.08 0.31
CA GLU A 178 -2.42 -30.65 -0.81
C GLU A 178 -0.99 -30.50 -0.32
N LYS A 179 -0.04 -30.82 -1.21
CA LYS A 179 1.38 -30.65 -0.89
C LYS A 179 2.00 -29.64 -1.83
N PHE A 180 2.64 -28.65 -1.21
CA PHE A 180 3.37 -27.60 -1.90
C PHE A 180 4.90 -27.77 -1.62
N ALA A 181 5.71 -27.62 -2.65
CA ALA A 181 7.17 -27.68 -2.53
C ALA A 181 7.80 -26.32 -2.81
N LEU A 182 8.34 -25.74 -1.70
CA LEU A 182 8.96 -24.42 -1.74
C LEU A 182 10.47 -24.60 -1.77
N GLU A 183 11.10 -24.07 -2.83
CA GLU A 183 12.55 -24.05 -2.95
C GLU A 183 13.05 -22.72 -2.42
N ILE A 184 13.89 -22.74 -1.37
CA ILE A 184 14.48 -21.51 -0.83
C ILE A 184 15.92 -21.37 -1.31
N ILE A 185 16.17 -20.28 -2.02
CA ILE A 185 17.43 -20.01 -2.69
C ILE A 185 18.27 -19.26 -1.64
N PHE A 186 19.52 -19.68 -1.48
CA PHE A 186 20.26 -19.28 -0.27
C PHE A 186 20.95 -17.93 -0.46
N GLN A 187 20.19 -16.95 -0.93
CA GLN A 187 20.62 -15.57 -0.92
C GLN A 187 19.47 -14.75 -0.32
N GLU A 188 19.83 -13.57 0.18
CA GLU A 188 18.87 -12.70 0.83
C GLU A 188 18.25 -11.75 -0.18
N LEU A 189 16.93 -11.57 -0.13
CA LEU A 189 16.30 -10.47 -0.86
C LEU A 189 16.77 -9.18 -0.23
N PRO A 190 17.53 -8.31 -0.93
CA PRO A 190 18.12 -7.13 -0.28
C PRO A 190 17.10 -6.09 0.18
N GLU A 191 17.49 -5.29 1.14
CA GLU A 191 16.66 -4.22 1.63
C GLU A 191 16.11 -3.36 0.48
N GLN A 192 14.87 -2.93 0.69
CA GLN A 192 14.14 -2.08 -0.26
C GLN A 192 14.76 -0.71 -0.26
N THR A 193 15.03 -0.13 -1.41
CA THR A 193 15.46 1.27 -1.50
C THR A 193 14.39 2.19 -2.13
N LEU A 194 13.40 1.60 -2.79
CA LEU A 194 12.25 2.34 -3.31
C LEU A 194 11.58 3.04 -2.15
N LEU A 195 11.35 4.37 -2.29
CA LEU A 195 10.54 5.09 -1.34
C LEU A 195 9.05 4.76 -1.59
N HIS A 196 8.31 4.51 -0.51
CA HIS A 196 6.95 3.99 -0.66
C HIS A 196 6.11 4.54 0.50
N THR A 197 5.12 5.40 0.14
CA THR A 197 4.13 5.93 1.06
C THR A 197 2.74 5.40 0.64
N GLU A 198 1.97 4.93 1.65
CA GLU A 198 0.54 4.67 1.53
C GLU A 198 -0.12 5.56 2.58
N TRP A 199 -0.84 6.57 2.15
CA TRP A 199 -1.31 7.55 3.09
C TRP A 199 -2.09 6.89 4.21
N PHE A 200 -1.68 7.20 5.43
CA PHE A 200 -2.19 6.68 6.67
C PHE A 200 -3.18 7.69 7.25
N HIS A 201 -4.43 7.21 7.43
CA HIS A 201 -5.54 8.04 7.91
C HIS A 201 -5.82 7.71 9.38
N SER A 202 -5.17 8.46 10.32
CA SER A 202 -5.29 8.31 11.78
C SER A 202 -6.72 8.51 12.23
N ASP A 203 -7.40 9.44 11.62
CA ASP A 203 -8.80 9.74 11.91
C ASP A 203 -9.68 8.50 11.72
N CYS A 204 -9.48 7.77 10.61
CA CYS A 204 -10.28 6.59 10.27
C CYS A 204 -10.12 5.52 11.35
N ILE A 205 -8.94 5.38 11.95
CA ILE A 205 -8.70 4.47 13.05
C ILE A 205 -9.51 4.92 14.28
N ALA A 206 -9.41 6.20 14.61
CA ALA A 206 -10.18 6.75 15.75
C ALA A 206 -11.69 6.57 15.68
N THR A 207 -12.33 6.83 14.52
CA THR A 207 -13.76 6.73 14.34
C THR A 207 -14.25 5.28 14.21
N GLN A 208 -13.38 4.41 13.72
CA GLN A 208 -13.74 2.99 13.55
C GLN A 208 -13.70 2.23 14.88
N TYR A 209 -12.73 2.51 15.71
CA TYR A 209 -12.53 1.87 17.01
C TYR A 209 -13.17 2.66 18.16
N LYS A 210 -13.65 3.86 17.87
CA LYS A 210 -14.41 4.70 18.80
C LYS A 210 -13.53 5.13 19.95
N VAL A 211 -12.38 5.71 19.61
CA VAL A 211 -11.43 6.19 20.61
C VAL A 211 -11.13 7.65 20.25
N GLU A 212 -10.78 8.46 21.25
CA GLU A 212 -10.40 9.84 20.97
C GLU A 212 -9.04 9.90 20.28
N VAL A 213 -8.86 10.89 19.41
CA VAL A 213 -7.61 11.07 18.68
C VAL A 213 -6.52 11.39 19.67
N PHE A 214 -5.42 10.69 19.52
CA PHE A 214 -4.22 10.82 20.35
C PHE A 214 -4.41 10.47 21.84
N SER A 215 -5.50 9.76 22.15
CA SER A 215 -5.58 8.99 23.40
C SER A 215 -4.58 7.85 23.38
N GLU A 216 -4.25 7.29 24.57
CA GLU A 216 -3.33 6.14 24.61
C GLU A 216 -3.87 4.97 23.81
N ALA A 217 -5.19 4.77 23.79
CA ALA A 217 -5.76 3.65 23.03
C ALA A 217 -5.55 3.86 21.52
N HIS A 218 -5.68 5.10 21.06
CA HIS A 218 -5.42 5.47 19.68
C HIS A 218 -3.96 5.27 19.29
N TRP A 219 -3.02 5.65 20.15
CA TRP A 219 -1.62 5.48 19.90
C TRP A 219 -1.30 4.01 19.72
N LYS A 220 -1.88 3.14 20.55
CA LYS A 220 -1.57 1.74 20.46
C LYS A 220 -2.02 1.21 19.09
N LEU A 221 -3.24 1.59 18.67
CA LEU A 221 -3.73 1.16 17.35
C LEU A 221 -2.87 1.71 16.21
N ILE A 222 -2.45 2.98 16.33
CA ILE A 222 -1.57 3.59 15.34
C ILE A 222 -0.34 2.74 15.17
N GLU A 223 0.22 2.31 16.30
CA GLU A 223 1.41 1.47 16.24
C GLU A 223 1.16 0.14 15.51
N SER A 224 0.04 -0.50 15.74
CA SER A 224 -0.30 -1.73 15.05
C SER A 224 -0.42 -1.56 13.54
N TYR A 225 -1.12 -0.49 13.13
CA TYR A 225 -1.29 -0.16 11.72
C TYR A 225 0.04 0.18 11.04
N VAL A 226 0.87 1.01 11.69
CA VAL A 226 2.17 1.33 11.12
C VAL A 226 3.05 0.09 10.95
N HIS A 227 3.08 -0.78 11.97
CA HIS A 227 3.83 -2.03 11.91
C HIS A 227 3.43 -2.84 10.68
N ASN A 228 2.12 -3.00 10.43
CA ASN A 228 1.63 -3.66 9.23
C ASN A 228 2.16 -2.99 7.95
N ALA A 229 2.06 -1.64 7.86
CA ALA A 229 2.59 -0.85 6.76
C ALA A 229 4.07 -1.13 6.47
N VAL A 230 4.88 -1.06 7.54
CA VAL A 230 6.32 -1.27 7.40
C VAL A 230 6.58 -2.69 6.87
N ASN A 231 5.87 -3.70 7.44
CA ASN A 231 5.98 -5.09 7.04
C ASN A 231 5.65 -5.32 5.55
N HIS A 232 4.85 -4.45 4.93
CA HIS A 232 4.47 -4.51 3.53
C HIS A 232 5.22 -3.47 2.67
N GLY A 233 6.35 -2.96 3.15
CA GLY A 233 7.22 -2.15 2.31
C GLY A 233 6.95 -0.65 2.38
N VAL A 234 6.15 -0.13 3.33
CA VAL A 234 5.97 1.29 3.49
C VAL A 234 7.16 1.80 4.33
N ASN A 235 7.94 2.75 3.81
CA ASN A 235 9.11 3.26 4.51
C ASN A 235 9.00 4.78 4.71
N MET A 236 7.84 5.37 4.32
CA MET A 236 7.61 6.81 4.33
C MET A 236 6.19 7.02 4.82
N LEU A 237 6.03 7.83 5.88
CA LEU A 237 4.72 7.93 6.51
C LEU A 237 4.17 9.35 6.51
N LEU A 238 2.93 9.52 6.04
CA LEU A 238 2.23 10.81 6.08
C LEU A 238 1.99 11.24 7.53
N THR A 239 2.43 12.45 7.86
CA THR A 239 2.66 12.93 9.22
C THR A 239 1.81 14.17 9.41
N PRO A 240 0.72 14.09 10.18
CA PRO A 240 -0.29 15.18 10.23
C PRO A 240 0.06 16.32 11.19
N LEU A 241 0.83 17.29 10.67
CA LEU A 241 1.13 18.52 11.40
C LEU A 241 -0.16 19.18 11.80
N PHE A 242 -1.04 19.33 10.79
CA PHE A 242 -2.42 19.82 10.89
C PHE A 242 -3.31 18.83 10.13
N THR A 243 -4.62 18.83 10.45
CA THR A 243 -5.55 17.86 9.89
C THR A 243 -5.33 17.83 8.38
N PRO A 244 -4.87 16.69 7.82
CA PRO A 244 -4.56 16.63 6.39
C PRO A 244 -5.76 17.14 5.59
N PRO A 245 -5.55 18.18 4.72
CA PRO A 245 -6.65 18.74 3.90
C PRO A 245 -6.87 17.93 2.62
N LEU A 246 -7.46 16.73 2.75
CA LEU A 246 -7.48 15.66 1.74
C LEU A 246 -8.88 15.10 1.80
N ASP A 247 -9.50 14.92 0.64
CA ASP A 247 -10.80 14.23 0.52
C ASP A 247 -11.88 14.86 1.42
N THR A 248 -11.89 16.21 1.44
CA THR A 248 -12.85 16.93 2.26
C THR A 248 -13.58 17.90 1.35
N TYR A 249 -14.92 18.01 1.43
CA TYR A 249 -15.67 18.95 0.58
C TYR A 249 -15.34 20.37 1.04
N VAL A 250 -15.46 21.34 0.14
CA VAL A 250 -15.32 22.75 0.48
C VAL A 250 -16.37 23.11 1.53
N GLY A 251 -15.95 23.68 2.65
CA GLY A 251 -16.83 24.01 3.77
C GLY A 251 -17.05 22.83 4.71
N GLY A 252 -16.29 21.72 4.50
CA GLY A 252 -16.42 20.50 5.30
C GLY A 252 -15.13 20.24 6.09
N GLU A 253 -15.16 19.21 6.94
CA GLU A 253 -14.02 18.87 7.82
C GLU A 253 -13.97 17.37 8.05
N ARG A 254 -12.77 16.88 8.40
CA ARG A 254 -12.59 15.56 8.96
C ARG A 254 -12.28 15.75 10.44
N PRO A 255 -12.36 14.67 11.28
CA PRO A 255 -11.94 14.77 12.70
C PRO A 255 -10.55 15.37 12.83
N THR A 256 -10.40 16.29 13.82
CA THR A 256 -9.15 16.98 14.05
C THR A 256 -8.04 15.97 14.36
N VAL A 257 -7.00 16.01 13.53
CA VAL A 257 -5.77 15.23 13.78
C VAL A 257 -4.62 16.21 13.59
N GLN A 258 -4.06 16.69 14.72
CA GLN A 258 -3.11 17.79 14.65
C GLN A 258 -1.99 17.54 15.64
N LEU A 259 -0.77 17.22 15.16
CA LEU A 259 0.40 16.95 15.99
C LEU A 259 0.97 18.24 16.60
N ILE A 260 0.86 19.38 15.92
CA ILE A 260 1.38 20.67 16.39
C ILE A 260 0.39 21.32 17.36
N ASP A 261 0.87 21.66 18.57
CA ASP A 261 0.15 22.51 19.52
C ASP A 261 0.42 24.00 19.22
N VAL A 262 -0.65 24.78 19.08
CA VAL A 262 -0.66 26.22 18.73
C VAL A 262 -1.37 26.98 19.86
N GLU A 263 -0.65 27.95 20.40
CA GLU A 263 -1.18 28.92 21.35
C GLU A 263 -1.20 30.33 20.69
N ILE A 264 -2.37 30.96 20.67
CA ILE A 264 -2.50 32.36 20.28
C ILE A 264 -2.11 33.30 21.41
N THR A 265 -1.01 34.05 21.25
CA THR A 265 -0.60 35.02 22.26
C THR A 265 -1.14 36.44 22.00
N GLY A 266 -1.51 36.78 20.75
CA GLY A 266 -2.15 38.02 20.37
C GLY A 266 -2.52 37.93 18.88
N VAL A 267 -3.09 39.00 18.31
CA VAL A 267 -3.57 38.95 16.92
C VAL A 267 -2.39 38.65 15.99
N ASN A 268 -2.49 37.55 15.21
CA ASN A 268 -1.41 37.14 14.30
C ASN A 268 -0.12 36.76 15.02
N GLU A 269 -0.18 36.37 16.32
CA GLU A 269 1.00 36.00 17.10
C GLU A 269 0.79 34.63 17.79
N TYR A 270 1.77 33.73 17.63
CA TYR A 270 1.60 32.33 18.05
C TYR A 270 2.82 31.81 18.81
N ARG A 271 2.61 30.77 19.61
CA ARG A 271 3.69 29.95 20.08
C ARG A 271 3.37 28.50 19.78
N PHE A 272 4.43 27.67 19.62
CA PHE A 272 4.24 26.31 19.12
C PHE A 272 4.84 25.32 20.08
N LYS A 273 4.25 24.12 20.20
CA LYS A 273 4.93 23.01 20.88
C LYS A 273 4.98 21.79 19.93
N PHE A 274 6.12 21.12 19.90
CA PHE A 274 6.43 20.02 19.01
C PHE A 274 6.57 18.66 19.74
N ASP A 275 6.15 18.56 21.02
CA ASP A 275 6.33 17.31 21.79
C ASP A 275 5.52 16.13 21.21
N ARG A 276 4.28 16.33 20.74
CA ARG A 276 3.55 15.26 20.11
C ARG A 276 4.12 14.85 18.72
N LEU A 277 4.64 15.81 17.93
CA LEU A 277 5.42 15.45 16.76
C LEU A 277 6.62 14.59 17.16
N GLU A 278 7.35 14.97 18.21
CA GLU A 278 8.50 14.17 18.65
C GLU A 278 8.11 12.73 19.00
N ARG A 279 6.98 12.55 19.65
CA ARG A 279 6.38 11.21 19.88
C ARG A 279 6.13 10.42 18.57
N TRP A 280 5.54 11.13 17.59
CA TRP A 280 5.24 10.52 16.31
C TRP A 280 6.53 10.09 15.60
N VAL A 281 7.52 10.97 15.51
CA VAL A 281 8.78 10.69 14.85
C VAL A 281 9.50 9.53 15.58
N GLU A 282 9.47 9.52 16.90
CA GLU A 282 10.12 8.40 17.62
C GLU A 282 9.41 7.07 17.34
N MET A 283 8.08 7.10 17.23
CA MET A 283 7.31 5.91 16.83
C MET A 283 7.75 5.41 15.45
N CYS A 284 7.88 6.35 14.50
CA CYS A 284 8.31 6.03 13.15
C CYS A 284 9.68 5.36 13.19
N GLN A 285 10.63 6.00 13.88
CA GLN A 285 12.00 5.47 13.96
C GLN A 285 11.98 4.04 14.51
N ARG A 286 11.30 3.85 15.64
CA ARG A 286 11.22 2.55 16.31
C ARG A 286 10.59 1.46 15.41
N LEU A 287 9.58 1.77 14.58
CA LEU A 287 8.86 0.75 13.80
C LEU A 287 9.48 0.52 12.44
N GLY A 288 10.44 1.36 12.04
CA GLY A 288 11.22 1.14 10.84
C GLY A 288 10.81 2.05 9.66
N ILE A 289 10.01 3.09 9.92
CA ILE A 289 9.78 4.15 8.92
C ILE A 289 11.08 4.95 8.78
N GLN A 290 11.51 5.23 7.55
CA GLN A 290 12.78 5.92 7.33
C GLN A 290 12.56 7.39 6.94
N PHE A 291 11.38 7.74 6.40
CA PHE A 291 11.12 9.08 5.91
C PHE A 291 9.83 9.65 6.48
N ILE A 292 9.83 10.95 6.78
CA ILE A 292 8.68 11.64 7.36
C ILE A 292 8.08 12.52 6.28
N GLU A 293 6.81 12.27 5.89
CA GLU A 293 6.20 13.00 4.80
C GLU A 293 5.18 13.95 5.44
N PHE A 294 5.52 15.24 5.59
CA PHE A 294 4.59 16.17 6.23
C PHE A 294 3.34 16.41 5.38
N SER A 295 2.21 16.54 6.10
CA SER A 295 0.91 16.70 5.50
C SER A 295 0.87 18.03 4.73
N HIS A 296 0.00 18.04 3.71
CA HIS A 296 -0.21 19.22 2.86
C HIS A 296 -0.60 20.44 3.69
N LEU A 297 -0.08 21.64 3.30
CA LEU A 297 -0.27 22.87 4.08
C LEU A 297 -1.28 23.82 3.41
N PHE A 298 -1.90 23.32 2.32
CA PHE A 298 -2.93 24.03 1.59
C PHE A 298 -3.97 23.02 1.08
N THR A 299 -5.14 23.50 0.73
CA THR A 299 -6.22 22.66 0.22
C THR A 299 -5.99 22.10 -1.20
N GLN A 300 -6.73 21.00 -1.46
CA GLN A 300 -6.86 20.36 -2.76
C GLN A 300 -7.55 21.35 -3.74
N TRP A 301 -7.42 21.09 -5.04
CA TRP A 301 -8.10 21.84 -6.09
C TRP A 301 -7.55 23.28 -6.17
N GLY A 302 -6.21 23.41 -6.12
CA GLY A 302 -5.55 24.66 -6.40
C GLY A 302 -5.02 25.49 -5.22
N ALA A 303 -4.88 24.89 -4.02
CA ALA A 303 -4.16 25.52 -2.94
C ALA A 303 -4.73 26.89 -2.56
N LYS A 304 -6.06 27.02 -2.58
CA LYS A 304 -6.71 28.31 -2.33
C LYS A 304 -6.92 28.63 -0.86
N TYR A 305 -6.99 27.60 0.00
CA TYR A 305 -7.30 27.77 1.42
C TYR A 305 -6.30 27.02 2.29
N ALA A 306 -6.39 27.32 3.57
CA ALA A 306 -5.59 26.67 4.59
C ALA A 306 -6.25 25.39 5.02
N PRO A 307 -5.47 24.48 5.64
CA PRO A 307 -6.00 23.35 6.40
C PRO A 307 -6.81 23.90 7.58
N LYS A 308 -7.72 23.07 8.11
CA LYS A 308 -8.21 23.28 9.48
C LYS A 308 -7.05 23.31 10.48
N ILE A 309 -6.97 24.41 11.25
CA ILE A 309 -5.99 24.53 12.30
C ILE A 309 -6.67 25.00 13.58
N ILE A 310 -6.40 24.30 14.68
CA ILE A 310 -6.95 24.59 16.02
C ILE A 310 -5.83 25.17 16.89
N ALA A 311 -6.23 26.15 17.71
CA ALA A 311 -5.32 26.86 18.60
C ALA A 311 -6.06 27.18 19.89
N LYS A 312 -5.26 27.28 21.00
CA LYS A 312 -5.82 27.73 22.28
C LYS A 312 -5.64 29.25 22.45
N LYS A 313 -6.72 30.00 22.78
CA LYS A 313 -6.59 31.33 23.38
C LYS A 313 -7.19 31.32 24.79
N ASP A 314 -6.31 31.45 25.80
CA ASP A 314 -6.66 31.50 27.22
C ASP A 314 -7.27 30.18 27.65
N GLY A 315 -6.57 29.08 27.39
CA GLY A 315 -7.07 27.78 27.75
C GLY A 315 -8.01 27.13 26.74
N GLU A 316 -8.81 27.92 25.95
CA GLU A 316 -9.92 27.41 25.15
C GLU A 316 -9.59 27.21 23.66
N GLU A 317 -9.99 26.07 23.07
CA GLU A 317 -9.65 25.71 21.71
C GLU A 317 -10.55 26.43 20.73
N LYS A 318 -9.99 27.05 19.67
CA LYS A 318 -10.85 27.47 18.58
C LYS A 318 -10.14 27.23 17.24
N ARG A 319 -10.92 27.25 16.16
CA ARG A 319 -10.39 27.06 14.82
C ARG A 319 -9.93 28.40 14.28
N ILE A 320 -8.65 28.52 13.95
CA ILE A 320 -8.11 29.80 13.49
C ILE A 320 -7.89 29.85 11.97
N PHE A 321 -7.73 28.68 11.30
CA PHE A 321 -7.65 28.62 9.83
C PHE A 321 -8.57 27.54 9.30
N GLY A 322 -8.87 27.61 8.00
CA GLY A 322 -9.63 26.61 7.27
C GLY A 322 -10.16 27.17 5.97
N TRP A 323 -11.40 26.77 5.63
CA TRP A 323 -11.99 27.16 4.36
C TRP A 323 -12.43 28.62 4.32
N ASP A 324 -12.32 29.36 5.40
CA ASP A 324 -12.68 30.79 5.41
C ASP A 324 -11.41 31.65 5.47
N THR A 325 -10.21 31.05 5.32
CA THR A 325 -8.97 31.82 5.39
C THR A 325 -8.21 31.51 4.09
N GLU A 326 -8.19 32.50 3.16
CA GLU A 326 -7.43 32.33 1.90
C GLU A 326 -5.95 32.07 2.13
N ALA A 327 -5.43 31.14 1.36
CA ALA A 327 -4.06 30.71 1.44
C ALA A 327 -3.08 31.87 1.16
N SER A 328 -3.51 32.79 0.28
CA SER A 328 -2.73 33.97 -0.15
C SER A 328 -2.96 35.19 0.75
N GLY A 329 -3.84 35.06 1.74
CA GLY A 329 -4.08 36.09 2.72
C GLY A 329 -2.85 36.28 3.60
N GLU A 330 -2.75 37.49 4.15
CA GLU A 330 -1.60 37.79 4.96
C GLU A 330 -1.63 37.02 6.29
N SER A 331 -2.83 36.73 6.80
CA SER A 331 -3.00 36.02 8.05
C SER A 331 -2.32 34.61 8.06
N TYR A 332 -2.60 33.82 7.03
CA TYR A 332 -1.98 32.49 6.91
C TYR A 332 -0.49 32.62 6.57
N SER A 333 -0.14 33.57 5.68
CA SER A 333 1.26 33.88 5.45
C SER A 333 2.05 34.11 6.75
N LEU A 334 1.55 35.02 7.60
CA LEU A 334 2.21 35.35 8.87
C LEU A 334 2.32 34.15 9.82
N PHE A 335 1.28 33.32 9.86
CA PHE A 335 1.29 32.07 10.63
C PHE A 335 2.42 31.13 10.16
N LEU A 336 2.57 30.94 8.82
CA LEU A 336 3.62 30.03 8.34
C LEU A 336 5.00 30.67 8.45
N ASP A 337 5.09 32.02 8.43
CA ASP A 337 6.35 32.72 8.68
C ASP A 337 6.85 32.44 10.10
N GLN A 338 5.95 32.23 11.04
CA GLN A 338 6.34 31.91 12.41
C GLN A 338 6.55 30.40 12.59
N PHE A 339 5.62 29.59 12.04
CA PHE A 339 5.71 28.14 12.20
C PHE A 339 6.89 27.47 11.51
N LEU A 340 7.07 27.73 10.20
CA LEU A 340 8.01 26.99 9.41
C LEU A 340 9.42 27.07 9.95
N PRO A 341 9.97 28.24 10.40
CA PRO A 341 11.35 28.24 10.90
C PRO A 341 11.50 27.37 12.17
N GLN A 342 10.47 27.35 13.01
CA GLN A 342 10.47 26.55 14.21
C GLN A 342 10.40 25.04 13.90
N LEU A 343 9.62 24.64 12.86
CA LEU A 343 9.66 23.26 12.39
C LEU A 343 11.03 22.89 11.82
N VAL A 344 11.68 23.80 11.07
CA VAL A 344 13.03 23.60 10.55
C VAL A 344 14.05 23.39 11.69
N HIS A 345 13.94 24.19 12.78
CA HIS A 345 14.77 24.00 13.97
C HIS A 345 14.56 22.57 14.58
N PHE A 346 13.30 22.12 14.69
CA PHE A 346 12.94 20.78 15.15
C PHE A 346 13.61 19.74 14.28
N ILE A 347 13.51 19.91 12.96
CA ILE A 347 14.05 18.94 12.01
C ILE A 347 15.55 18.79 12.26
N ARG A 348 16.25 19.91 12.30
CA ARG A 348 17.70 19.90 12.46
C ARG A 348 18.15 19.31 13.80
N ASN A 349 17.43 19.63 14.87
CA ASN A 349 17.68 19.11 16.21
C ASN A 349 17.42 17.61 16.30
N HIS A 350 16.55 17.06 15.44
CA HIS A 350 16.30 15.62 15.49
C HIS A 350 17.02 14.83 14.38
N HIS A 351 17.98 15.45 13.69
CA HIS A 351 18.80 14.84 12.66
C HIS A 351 17.92 14.28 11.54
N LEU A 352 16.88 15.04 11.18
CA LEU A 352 15.93 14.60 10.15
C LEU A 352 16.16 15.28 8.82
N ASP A 353 17.26 16.07 8.73
CA ASP A 353 17.46 16.99 7.62
C ASP A 353 17.30 16.28 6.27
N ASP A 354 17.77 15.05 6.14
CA ASP A 354 17.73 14.40 4.83
C ASP A 354 16.64 13.30 4.80
N LYS A 355 15.69 13.38 5.71
CA LYS A 355 14.71 12.31 5.91
C LYS A 355 13.28 12.81 5.76
N VAL A 356 13.07 14.04 5.29
CA VAL A 356 11.73 14.68 5.31
C VAL A 356 11.33 15.05 3.89
N PHE A 357 10.01 15.12 3.72
CA PHE A 357 9.34 15.59 2.52
C PHE A 357 8.21 16.51 2.93
N PHE A 358 7.94 17.50 2.10
CA PHE A 358 6.81 18.42 2.21
C PHE A 358 5.91 18.35 0.99
N HIS A 359 4.66 18.71 1.22
CA HIS A 359 3.61 18.82 0.21
C HIS A 359 3.01 20.23 0.18
N VAL A 360 2.69 20.72 -1.05
CA VAL A 360 1.88 21.90 -1.23
C VAL A 360 0.40 21.55 -1.41
N SER A 361 0.09 20.94 -2.55
CA SER A 361 -1.25 20.62 -2.99
C SER A 361 -1.16 19.82 -4.30
N ASP A 362 -1.99 18.79 -4.45
CA ASP A 362 -1.89 17.81 -5.55
C ASP A 362 -2.61 18.23 -6.84
N GLU A 363 -1.99 17.92 -8.00
CA GLU A 363 -2.61 18.02 -9.32
C GLU A 363 -3.21 19.40 -9.54
N PRO A 364 -2.48 20.49 -9.29
CA PRO A 364 -3.02 21.81 -9.66
C PRO A 364 -3.23 21.84 -11.19
N GLY A 365 -4.40 22.21 -11.64
CA GLY A 365 -4.57 22.40 -13.08
C GLY A 365 -3.92 23.73 -13.51
N MET A 366 -3.80 23.92 -14.84
CA MET A 366 -3.31 25.17 -15.38
C MET A 366 -4.15 26.36 -14.88
N LYS A 367 -5.46 26.18 -14.69
CA LYS A 367 -6.28 27.30 -14.23
C LYS A 367 -5.91 27.71 -12.81
N HIS A 368 -5.17 26.85 -12.07
CA HIS A 368 -4.78 27.14 -10.70
C HIS A 368 -3.30 27.43 -10.59
N ALA A 369 -2.62 27.71 -11.72
CA ALA A 369 -1.19 27.91 -11.67
C ALA A 369 -0.85 29.10 -10.76
N GLU A 370 -1.69 30.13 -10.76
CA GLU A 370 -1.40 31.33 -9.97
C GLU A 370 -1.53 31.00 -8.45
N SER A 371 -2.60 30.36 -8.02
CA SER A 371 -2.78 30.06 -6.59
C SER A 371 -1.71 29.06 -6.10
N TYR A 372 -1.37 28.08 -6.94
CA TYR A 372 -0.26 27.19 -6.64
C TYR A 372 1.05 27.97 -6.48
N ARG A 373 1.35 28.89 -7.41
CA ARG A 373 2.58 29.65 -7.31
C ARG A 373 2.63 30.40 -5.97
N GLN A 374 1.56 31.10 -5.57
CA GLN A 374 1.52 31.93 -4.37
C GLN A 374 1.73 31.07 -3.11
N ALA A 375 1.15 29.86 -3.10
CA ALA A 375 1.36 28.89 -2.01
C ALA A 375 2.79 28.36 -1.99
N SER A 376 3.28 27.89 -3.12
CA SER A 376 4.63 27.37 -3.24
C SER A 376 5.69 28.40 -2.83
N ASP A 377 5.40 29.68 -3.12
CA ASP A 377 6.28 30.80 -2.81
C ASP A 377 6.47 31.01 -1.31
N ILE A 378 5.38 30.90 -0.52
CA ILE A 378 5.43 30.91 0.93
C ILE A 378 6.37 29.82 1.43
N LEU A 379 6.19 28.56 0.98
CA LEU A 379 7.04 27.50 1.48
C LEU A 379 8.52 27.76 1.08
N ASN A 380 8.75 28.21 -0.16
CA ASN A 380 10.10 28.40 -0.66
C ASN A 380 10.86 29.50 0.13
N LYS A 381 10.19 30.39 0.86
CA LYS A 381 10.92 31.40 1.63
C LYS A 381 11.60 30.74 2.83
N HIS A 382 11.10 29.57 3.24
CA HIS A 382 11.54 28.95 4.49
C HIS A 382 12.14 27.57 4.32
N LEU A 383 11.88 26.88 3.20
CA LEU A 383 12.14 25.42 3.09
C LEU A 383 13.20 25.09 2.06
N ALA A 384 14.08 26.08 1.84
CA ALA A 384 15.25 25.88 1.00
C ALA A 384 15.99 24.64 1.45
N GLY A 385 16.39 23.82 0.46
CA GLY A 385 17.16 22.63 0.77
C GLY A 385 16.31 21.38 1.07
N PHE A 386 14.99 21.52 1.27
CA PHE A 386 14.13 20.35 1.49
C PHE A 386 13.33 19.91 0.25
N SER A 387 13.09 18.60 0.17
CA SER A 387 12.33 17.93 -0.88
C SER A 387 10.85 18.28 -0.75
N ILE A 388 10.26 18.78 -1.83
CA ILE A 388 8.86 19.15 -1.90
C ILE A 388 8.25 18.37 -3.05
N LEU A 389 7.24 17.51 -2.74
CA LEU A 389 6.63 16.53 -3.62
C LEU A 389 5.22 17.00 -3.96
N ASP A 390 4.75 16.89 -5.21
CA ASP A 390 3.33 17.08 -5.49
C ASP A 390 2.90 16.19 -6.65
N ALA A 391 1.70 15.59 -6.52
CA ALA A 391 1.12 14.85 -7.66
C ALA A 391 0.96 15.84 -8.83
N LEU A 392 1.51 15.49 -10.00
CA LEU A 392 1.45 16.35 -11.18
C LEU A 392 1.62 15.50 -12.44
N SER A 393 0.53 15.34 -13.20
CA SER A 393 0.54 14.43 -14.33
C SER A 393 0.54 15.20 -15.67
N ASP A 394 0.69 16.52 -15.63
CA ASP A 394 0.70 17.36 -16.82
C ASP A 394 2.10 17.94 -17.04
N TYR A 395 2.78 17.43 -18.06
CA TYR A 395 4.14 17.81 -18.36
C TYR A 395 4.24 19.30 -18.72
N ASP A 396 3.22 19.87 -19.40
CA ASP A 396 3.21 21.29 -19.79
C ASP A 396 3.22 22.17 -18.55
N PHE A 397 2.40 21.83 -17.51
CA PHE A 397 2.51 22.48 -16.21
C PHE A 397 3.89 22.29 -15.59
N TYR A 398 4.47 21.07 -15.66
CA TYR A 398 5.78 20.84 -15.07
C TYR A 398 6.87 21.74 -15.70
N GLU A 399 6.81 21.95 -17.03
CA GLU A 399 7.77 22.81 -17.75
C GLU A 399 7.77 24.22 -17.20
N LYS A 400 6.66 24.70 -16.60
CA LYS A 400 6.61 26.04 -16.01
C LYS A 400 7.51 26.20 -14.80
N GLY A 401 8.02 25.10 -14.21
CA GLY A 401 9.04 25.19 -13.17
C GLY A 401 8.49 25.52 -11.80
N LEU A 402 7.18 25.34 -11.54
CA LEU A 402 6.60 25.70 -10.25
C LEU A 402 6.71 24.57 -9.20
N VAL A 403 6.52 23.32 -9.64
CA VAL A 403 6.63 22.12 -8.81
C VAL A 403 8.09 21.73 -8.74
N GLN A 404 8.52 21.26 -7.58
CA GLN A 404 9.87 20.80 -7.45
C GLN A 404 9.94 19.34 -7.93
N ILE A 405 9.44 18.38 -7.12
CA ILE A 405 9.43 16.98 -7.52
C ILE A 405 7.99 16.58 -7.90
N PRO A 406 7.77 16.25 -9.17
CA PRO A 406 6.43 15.89 -9.66
C PRO A 406 6.20 14.41 -9.43
N VAL A 407 4.95 14.08 -9.10
CA VAL A 407 4.54 12.69 -8.97
C VAL A 407 3.48 12.39 -10.02
N PRO A 408 3.86 12.03 -11.27
CA PRO A 408 2.85 11.76 -12.29
C PRO A 408 2.14 10.42 -12.12
N SER A 409 0.88 10.35 -12.51
CA SER A 409 0.15 9.08 -12.51
C SER A 409 0.74 8.11 -13.51
N ASN A 410 0.61 6.79 -13.22
CA ASN A 410 1.25 5.80 -14.07
C ASN A 410 0.62 5.74 -15.47
N ASP A 411 -0.57 6.35 -15.66
CA ASP A 411 -1.11 6.44 -17.03
C ASP A 411 -0.68 7.72 -17.76
N GLN A 412 0.19 8.55 -17.14
CA GLN A 412 0.58 9.84 -17.69
C GLN A 412 2.09 10.02 -17.60
N ILE A 413 2.83 8.94 -17.27
CA ILE A 413 4.23 9.10 -16.96
C ILE A 413 5.17 9.21 -18.19
N GLU A 414 4.70 8.82 -19.37
CA GLU A 414 5.51 8.72 -20.61
C GLU A 414 6.34 9.97 -20.87
N PRO A 415 5.81 11.21 -20.86
CA PRO A 415 6.68 12.38 -21.11
C PRO A 415 7.71 12.68 -20.02
N PHE A 416 7.45 12.26 -18.76
CA PHE A 416 8.41 12.38 -17.66
C PHE A 416 9.57 11.41 -17.86
N ILE A 417 9.32 10.17 -18.27
CA ILE A 417 10.40 9.24 -18.65
C ILE A 417 11.17 9.77 -19.90
N GLU A 418 10.43 10.19 -20.94
CA GLU A 418 11.01 10.63 -22.22
C GLU A 418 12.01 11.77 -21.96
N HIS A 419 11.64 12.76 -21.11
CA HIS A 419 12.52 13.87 -20.74
C HIS A 419 13.50 13.63 -19.57
N GLY A 420 13.64 12.41 -19.04
CA GLY A 420 14.67 12.15 -18.04
C GLY A 420 14.42 12.84 -16.69
N VAL A 421 13.16 13.11 -16.33
CA VAL A 421 12.87 13.75 -15.05
C VAL A 421 13.42 12.91 -13.90
N GLU A 422 14.10 13.57 -12.95
CA GLU A 422 14.77 12.89 -11.83
C GLU A 422 14.65 13.73 -10.56
N PRO A 423 14.33 13.16 -9.38
CA PRO A 423 13.97 11.75 -9.22
C PRO A 423 12.58 11.44 -9.77
N LEU A 424 12.45 10.26 -10.40
CA LEU A 424 11.20 9.80 -10.98
C LEU A 424 10.31 9.10 -9.90
N TRP A 425 9.06 9.58 -9.82
CA TRP A 425 8.03 9.10 -8.91
C TRP A 425 6.77 8.75 -9.69
N THR A 426 5.93 7.84 -9.16
CA THR A 426 4.62 7.60 -9.78
C THR A 426 3.60 7.33 -8.66
N TYR A 427 2.31 7.45 -9.00
CA TYR A 427 1.19 7.05 -8.18
C TYR A 427 0.10 6.46 -9.08
N TYR A 428 -0.92 5.86 -8.44
CA TYR A 428 -2.20 5.60 -9.07
C TYR A 428 -3.32 5.76 -8.03
N CYS A 429 -4.54 5.94 -8.53
CA CYS A 429 -5.74 6.18 -7.72
C CYS A 429 -6.92 5.74 -8.65
N CYS A 430 -8.14 6.14 -8.30
CA CYS A 430 -9.34 5.74 -9.00
C CYS A 430 -9.31 6.13 -10.48
N GLY A 431 -8.63 7.24 -10.80
CA GLY A 431 -8.54 7.72 -12.19
C GLY A 431 -7.74 6.83 -13.14
N GLN A 432 -6.93 5.91 -12.63
CA GLN A 432 -6.05 5.05 -13.41
C GLN A 432 -6.75 3.72 -13.65
N ASP A 433 -7.87 3.82 -14.38
CA ASP A 433 -8.81 2.70 -14.62
C ASP A 433 -8.62 1.98 -15.97
N HIS A 434 -7.73 2.45 -16.81
CA HIS A 434 -7.49 1.96 -18.18
C HIS A 434 -6.06 1.40 -18.36
N HIS A 435 -5.94 0.09 -18.56
CA HIS A 435 -4.75 -0.63 -18.97
C HIS A 435 -3.69 -0.83 -17.87
N VAL A 436 -3.40 0.22 -17.12
CA VAL A 436 -2.23 0.26 -16.26
C VAL A 436 -2.48 -0.60 -14.98
N SER A 437 -1.40 -0.82 -14.23
CA SER A 437 -1.49 -1.46 -12.93
C SER A 437 -2.41 -0.66 -11.99
N ASN A 438 -3.22 -1.41 -11.24
CA ASN A 438 -4.03 -0.88 -10.16
C ASN A 438 -4.36 -2.05 -9.24
N ARG A 439 -5.23 -1.81 -8.27
CA ARG A 439 -5.53 -2.78 -7.22
C ARG A 439 -7.02 -2.87 -6.96
N PHE A 440 -7.84 -2.69 -8.00
CA PHE A 440 -9.27 -2.86 -7.83
C PHE A 440 -9.62 -4.32 -7.60
N PHE A 441 -10.76 -4.52 -6.92
CA PHE A 441 -11.30 -5.87 -6.75
C PHE A 441 -11.49 -6.54 -8.11
N SER A 442 -11.99 -5.76 -9.10
CA SER A 442 -12.35 -6.25 -10.43
C SER A 442 -11.17 -6.42 -11.41
N LEU A 443 -9.97 -6.13 -10.97
CA LEU A 443 -8.73 -6.37 -11.71
C LEU A 443 -7.98 -7.60 -11.20
N SER A 444 -7.23 -8.24 -12.08
CA SER A 444 -6.52 -9.47 -11.75
C SER A 444 -5.35 -9.19 -10.79
N SER A 445 -4.91 -10.22 -10.05
CA SER A 445 -3.72 -10.11 -9.24
C SER A 445 -2.45 -9.89 -10.05
N PRO A 446 -2.25 -10.49 -11.25
CA PRO A 446 -1.12 -10.06 -12.11
C PRO A 446 -1.07 -8.58 -12.47
N ARG A 447 -2.21 -7.94 -12.71
CA ARG A 447 -2.22 -6.52 -13.05
C ARG A 447 -1.90 -5.64 -11.86
N ASN A 448 -2.03 -6.20 -10.64
CA ASN A 448 -1.46 -5.54 -9.46
C ASN A 448 0.07 -5.75 -9.38
N ARG A 449 0.49 -7.01 -9.22
CA ARG A 449 1.91 -7.34 -8.97
C ARG A 449 2.90 -6.81 -10.04
N VAL A 450 2.48 -6.70 -11.30
CA VAL A 450 3.38 -6.29 -12.39
C VAL A 450 4.00 -4.90 -12.15
N LEU A 451 3.40 -4.08 -11.26
CA LEU A 451 3.98 -2.77 -11.00
C LEU A 451 5.48 -2.94 -10.68
N GLY A 452 5.85 -3.95 -9.89
CA GLY A 452 7.26 -4.16 -9.47
C GLY A 452 8.25 -4.16 -10.64
N ALA A 453 7.91 -4.91 -11.67
CA ALA A 453 8.71 -4.98 -12.90
C ALA A 453 8.77 -3.63 -13.64
N GLN A 454 7.65 -2.87 -13.71
CA GLN A 454 7.62 -1.58 -14.35
C GLN A 454 8.50 -0.56 -13.61
N LEU A 455 8.41 -0.55 -12.25
CA LEU A 455 9.23 0.29 -11.41
C LEU A 455 10.72 0.00 -11.69
N TYR A 456 11.02 -1.28 -11.86
CA TYR A 456 12.37 -1.71 -12.12
C TYR A 456 12.84 -1.13 -13.48
N LYS A 457 12.08 -1.41 -14.54
CA LYS A 457 12.51 -1.11 -15.91
C LYS A 457 12.71 0.39 -16.10
N PHE A 458 11.86 1.24 -15.47
CA PHE A 458 11.95 2.68 -15.67
C PHE A 458 12.75 3.40 -14.59
N GLY A 459 13.37 2.67 -13.66
CA GLY A 459 14.20 3.30 -12.64
C GLY A 459 13.43 4.28 -11.73
N VAL A 460 12.25 3.88 -11.28
CA VAL A 460 11.40 4.76 -10.45
C VAL A 460 12.02 4.76 -9.05
N GLN A 461 12.02 5.94 -8.41
CA GLN A 461 12.65 6.17 -7.10
C GLN A 461 11.64 6.14 -5.96
N GLY A 462 10.36 6.39 -6.29
CA GLY A 462 9.29 6.40 -5.30
C GLY A 462 7.89 6.15 -5.88
N PHE A 463 7.07 5.53 -5.04
CA PHE A 463 5.68 5.22 -5.32
C PHE A 463 4.82 5.70 -4.15
N LEU A 464 3.73 6.40 -4.52
CA LEU A 464 2.79 7.02 -3.63
C LEU A 464 1.38 6.45 -3.89
N HIS A 465 0.62 6.22 -2.80
CA HIS A 465 -0.78 5.81 -2.88
C HIS A 465 -1.52 6.51 -1.73
N TRP A 466 -2.73 7.03 -2.01
CA TRP A 466 -3.53 7.79 -1.05
C TRP A 466 -4.29 6.89 -0.05
N GLY A 467 -4.37 5.57 -0.26
CA GLY A 467 -5.43 4.78 0.40
C GLY A 467 -4.95 3.55 1.19
N PHE A 468 -4.13 3.72 2.24
CA PHE A 468 -3.87 2.59 3.10
C PHE A 468 -5.21 2.13 3.72
N ASN A 469 -5.93 3.07 4.38
CA ASN A 469 -7.04 2.74 5.27
C ASN A 469 -8.11 3.86 5.27
N PHE A 470 -8.48 4.36 4.09
CA PHE A 470 -9.48 5.40 4.00
C PHE A 470 -10.86 4.73 4.09
N TRP A 471 -11.52 4.95 5.23
CA TRP A 471 -12.80 4.30 5.53
C TRP A 471 -13.99 5.30 5.66
N TYR A 472 -13.95 6.43 4.97
CA TYR A 472 -15.08 7.31 4.80
C TYR A 472 -15.68 7.23 3.37
N SER A 473 -16.81 7.91 3.17
CA SER A 473 -17.38 8.17 1.85
C SER A 473 -16.56 9.25 1.12
N GLN A 474 -16.84 9.42 -0.18
CA GLN A 474 -16.22 10.46 -0.98
C GLN A 474 -16.45 11.81 -0.26
N TYR A 475 -15.40 12.60 -0.20
CA TYR A 475 -15.38 13.92 0.45
C TYR A 475 -15.51 13.83 1.98
N SER A 476 -15.30 12.63 2.57
CA SER A 476 -15.42 12.39 3.99
C SER A 476 -16.74 12.88 4.58
N LYS A 477 -17.83 12.71 3.84
CA LYS A 477 -19.16 13.14 4.26
C LYS A 477 -19.71 12.24 5.35
N LYS A 478 -19.40 10.94 5.31
CA LYS A 478 -19.76 10.03 6.39
C LYS A 478 -18.73 8.94 6.58
N VAL A 479 -18.81 8.33 7.76
CA VAL A 479 -17.99 7.17 8.12
C VAL A 479 -18.69 5.97 7.46
N ILE A 480 -17.90 5.03 6.87
CA ILE A 480 -18.54 3.79 6.39
C ILE A 480 -17.93 2.62 7.15
N ASP A 481 -18.62 1.47 7.11
CA ASP A 481 -18.11 0.21 7.58
C ASP A 481 -17.43 -0.49 6.40
N PRO A 482 -16.11 -0.62 6.43
CA PRO A 482 -15.36 -1.17 5.27
C PRO A 482 -15.65 -2.63 4.91
N PHE A 483 -16.20 -3.39 5.87
CA PHE A 483 -16.70 -4.74 5.60
C PHE A 483 -17.99 -4.70 4.80
N LYS A 484 -18.75 -3.60 4.81
CA LYS A 484 -19.96 -3.48 4.02
C LYS A 484 -19.86 -2.56 2.82
N VAL A 485 -19.02 -1.55 2.87
CA VAL A 485 -18.87 -0.57 1.79
C VAL A 485 -17.37 -0.47 1.42
N THR A 486 -17.00 -0.88 0.19
CA THR A 486 -15.61 -1.01 -0.26
C THR A 486 -15.28 0.00 -1.36
N ASP A 487 -16.26 0.80 -1.77
CA ASP A 487 -16.18 1.72 -2.90
C ASP A 487 -16.45 3.18 -2.47
N ALA A 488 -16.38 3.45 -1.17
CA ALA A 488 -16.58 4.78 -0.58
C ALA A 488 -17.98 5.34 -0.91
N ASP A 489 -18.96 4.44 -0.86
CA ASP A 489 -20.40 4.69 -1.17
C ASP A 489 -20.64 5.04 -2.63
N CYS A 490 -20.28 4.09 -3.52
CA CYS A 490 -20.42 4.22 -4.96
C CYS A 490 -19.75 5.49 -5.51
N ALA A 491 -18.47 5.69 -5.15
CA ALA A 491 -17.65 6.77 -5.69
C ALA A 491 -16.40 6.29 -6.39
N PHE A 492 -15.71 5.28 -5.81
CA PHE A 492 -14.40 4.84 -6.34
C PHE A 492 -14.47 3.33 -6.53
N PRO A 493 -13.89 2.75 -7.60
CA PRO A 493 -13.97 1.27 -7.75
C PRO A 493 -13.45 0.53 -6.52
N SER A 494 -14.18 -0.53 -6.08
CA SER A 494 -13.81 -1.17 -4.83
C SER A 494 -12.33 -1.57 -4.90
N GLY A 495 -11.66 -1.40 -3.76
CA GLY A 495 -10.22 -1.68 -3.66
C GLY A 495 -9.33 -0.46 -3.63
N ASP A 496 -9.83 0.64 -4.25
CA ASP A 496 -9.08 1.88 -4.32
C ASP A 496 -8.87 2.51 -2.94
N PRO A 497 -9.89 2.72 -2.10
CA PRO A 497 -9.67 3.51 -0.87
C PRO A 497 -8.91 2.81 0.25
N PHE A 498 -8.87 1.47 0.29
CA PHE A 498 -8.19 0.80 1.38
C PHE A 498 -7.64 -0.57 0.99
N VAL A 499 -6.45 -0.92 1.55
CA VAL A 499 -5.88 -2.25 1.42
C VAL A 499 -5.94 -3.07 2.72
N VAL A 500 -6.26 -2.42 3.83
CA VAL A 500 -6.47 -3.13 5.09
C VAL A 500 -7.89 -2.88 5.61
N TYR A 501 -8.36 -3.90 6.35
CA TYR A 501 -9.66 -3.89 7.02
C TYR A 501 -9.44 -3.78 8.52
N PRO A 502 -10.44 -3.29 9.28
CA PRO A 502 -10.28 -3.19 10.72
C PRO A 502 -10.55 -4.52 11.45
N GLY A 503 -9.53 -5.22 11.89
CA GLY A 503 -9.75 -6.33 12.80
C GLY A 503 -10.05 -5.86 14.24
N ALA A 504 -10.34 -6.79 15.16
CA ALA A 504 -10.63 -6.48 16.56
C ALA A 504 -9.45 -5.78 17.24
N ASP A 505 -8.20 -6.15 16.97
CA ASP A 505 -7.06 -5.54 17.65
C ASP A 505 -6.04 -4.84 16.75
N GLY A 506 -6.32 -4.76 15.42
CA GLY A 506 -5.36 -4.19 14.51
C GLY A 506 -5.78 -4.54 13.08
N PRO A 507 -4.95 -4.30 12.07
CA PRO A 507 -5.37 -4.51 10.69
C PRO A 507 -5.57 -6.00 10.34
N LEU A 508 -6.48 -6.24 9.39
CA LEU A 508 -6.57 -7.47 8.62
C LEU A 508 -6.11 -7.11 7.21
N ASP A 509 -5.29 -7.99 6.63
CA ASP A 509 -4.83 -7.80 5.26
C ASP A 509 -5.93 -8.18 4.25
N SER A 510 -5.87 -7.58 3.06
CA SER A 510 -6.58 -8.05 1.86
C SER A 510 -5.61 -8.92 1.06
N ILE A 511 -6.15 -9.76 0.16
CA ILE A 511 -5.26 -10.48 -0.77
C ILE A 511 -4.48 -9.49 -1.67
N ARG A 512 -5.08 -8.35 -2.01
CA ARG A 512 -4.46 -7.31 -2.83
C ARG A 512 -3.24 -6.67 -2.16
N TRP A 513 -3.29 -6.49 -0.81
CA TRP A 513 -2.12 -5.98 -0.07
C TRP A 513 -0.94 -6.99 -0.05
N GLU A 514 -1.25 -8.28 0.10
CA GLU A 514 -0.27 -9.38 0.00
C GLU A 514 0.37 -9.40 -1.41
N VAL A 515 -0.46 -9.25 -2.44
CA VAL A 515 0.00 -9.24 -3.84
C VAL A 515 0.79 -7.97 -4.14
N PHE A 516 0.44 -6.81 -3.56
CA PHE A 516 1.26 -5.61 -3.80
C PHE A 516 2.70 -5.80 -3.23
N ARG A 517 2.83 -6.32 -2.00
CA ARG A 517 4.15 -6.66 -1.44
C ARG A 517 4.93 -7.59 -2.36
N GLU A 518 4.24 -8.51 -3.05
CA GLU A 518 4.92 -9.39 -3.99
C GLU A 518 5.56 -8.57 -5.11
N GLY A 519 4.88 -7.51 -5.56
CA GLY A 519 5.47 -6.65 -6.60
C GLY A 519 6.73 -5.94 -6.16
N LEU A 520 6.74 -5.47 -4.91
CA LEU A 520 7.92 -4.85 -4.32
C LEU A 520 9.04 -5.88 -4.13
N GLN A 521 8.67 -7.14 -3.77
CA GLN A 521 9.65 -8.22 -3.73
C GLN A 521 10.25 -8.53 -5.11
N ASP A 522 9.45 -8.50 -6.19
CA ASP A 522 9.97 -8.68 -7.54
C ASP A 522 10.96 -7.55 -7.85
N LEU A 523 10.64 -6.29 -7.53
CA LEU A 523 11.57 -5.17 -7.75
C LEU A 523 12.92 -5.38 -7.05
N ARG A 524 12.87 -5.81 -5.78
CA ARG A 524 14.05 -6.10 -5.01
C ARG A 524 14.86 -7.23 -5.63
N ALA A 525 14.18 -8.25 -6.13
CA ALA A 525 14.84 -9.39 -6.79
C ALA A 525 15.49 -8.99 -8.11
N LEU A 526 14.80 -8.16 -8.93
CA LEU A 526 15.37 -7.59 -10.15
C LEU A 526 16.63 -6.75 -9.86
N LYS A 527 16.64 -5.97 -8.78
CA LYS A 527 17.78 -5.13 -8.45
C LYS A 527 18.97 -5.98 -7.99
N LEU A 528 18.69 -7.10 -7.31
CA LEU A 528 19.70 -8.11 -6.97
C LEU A 528 20.33 -8.75 -8.22
N LEU A 529 19.52 -9.30 -9.13
CA LEU A 529 20.04 -9.80 -10.40
C LEU A 529 20.85 -8.75 -11.16
N GLU A 530 20.42 -7.49 -11.10
CA GLU A 530 21.20 -6.39 -11.66
C GLU A 530 22.56 -6.26 -10.97
N ALA A 531 22.63 -6.35 -9.63
CA ALA A 531 23.89 -6.29 -8.93
C ALA A 531 24.79 -7.46 -9.33
N LEU A 532 24.23 -8.58 -9.77
CA LEU A 532 25.01 -9.78 -9.98
C LEU A 532 25.40 -9.90 -11.45
N ALA A 533 24.54 -9.50 -12.39
CA ALA A 533 24.73 -9.87 -13.78
C ALA A 533 24.68 -8.65 -14.68
N GLY A 534 24.33 -7.48 -14.09
CA GLY A 534 24.19 -6.26 -14.85
C GLY A 534 22.78 -6.00 -15.39
N ARG A 535 22.50 -4.73 -15.73
CA ARG A 535 21.18 -4.25 -16.10
C ARG A 535 20.77 -4.78 -17.47
N GLU A 536 21.74 -4.93 -18.40
CA GLU A 536 21.40 -5.30 -19.77
C GLU A 536 20.85 -6.72 -19.76
N LYS A 537 21.51 -7.61 -19.03
CA LYS A 537 21.05 -8.98 -18.98
C LYS A 537 19.72 -9.10 -18.22
N THR A 538 19.61 -8.41 -17.09
CA THR A 538 18.39 -8.48 -16.25
C THR A 538 17.16 -8.04 -17.04
N LEU A 539 17.26 -6.88 -17.72
CA LEU A 539 16.20 -6.34 -18.57
C LEU A 539 15.89 -7.24 -19.75
N ALA A 540 16.90 -7.86 -20.38
CA ALA A 540 16.64 -8.81 -21.44
C ALA A 540 15.88 -10.05 -20.93
N LEU A 541 16.21 -10.58 -19.73
CA LEU A 541 15.50 -11.74 -19.22
C LEU A 541 14.02 -11.41 -18.93
N LEU A 542 13.82 -10.21 -18.36
CA LEU A 542 12.48 -9.73 -18.01
C LEU A 542 11.58 -9.60 -19.24
N GLU A 543 12.14 -9.16 -20.38
CA GLU A 543 11.40 -8.98 -21.62
C GLU A 543 11.46 -10.14 -22.62
N GLN A 544 12.03 -11.27 -22.20
CA GLN A 544 12.15 -12.44 -23.06
C GLN A 544 10.78 -12.85 -23.57
N ASN A 545 10.66 -13.11 -24.87
CA ASN A 545 9.39 -13.57 -25.45
C ASN A 545 8.18 -12.61 -25.37
N LEU A 546 8.30 -11.35 -24.94
CA LEU A 546 7.15 -10.44 -25.01
C LEU A 546 6.95 -10.01 -26.47
N ARG A 547 5.70 -9.89 -26.97
CA ARG A 547 5.46 -9.40 -28.32
C ARG A 547 5.67 -7.88 -28.41
N GLU A 548 5.39 -7.16 -27.31
CA GLU A 548 5.47 -5.71 -27.26
C GLU A 548 6.36 -5.37 -26.09
N GLU A 549 7.19 -4.34 -26.19
CA GLU A 549 8.04 -3.91 -25.10
C GLU A 549 7.22 -3.67 -23.81
N LEU A 550 7.76 -4.07 -22.63
CA LEU A 550 7.10 -3.76 -21.37
C LEU A 550 7.00 -2.25 -21.13
N THR A 551 5.79 -1.75 -20.85
CA THR A 551 5.59 -0.38 -20.38
C THR A 551 4.60 -0.33 -19.18
N PHE A 552 4.26 0.87 -18.71
CA PHE A 552 3.24 0.98 -17.63
C PHE A 552 1.86 0.57 -18.16
N LYS A 553 1.65 0.69 -19.50
CA LYS A 553 0.39 0.31 -20.11
C LYS A 553 0.35 -1.05 -20.78
N SER A 554 1.49 -1.66 -21.09
CA SER A 554 1.54 -2.87 -21.89
C SER A 554 2.33 -3.97 -21.17
N PHE A 555 1.65 -5.06 -20.84
CA PHE A 555 2.29 -6.17 -20.15
C PHE A 555 1.39 -7.36 -20.37
N PRO A 556 1.87 -8.60 -20.24
CA PRO A 556 0.96 -9.76 -20.18
C PRO A 556 0.19 -9.82 -18.85
N ASP A 557 -1.12 -9.70 -18.93
CA ASP A 557 -2.03 -9.90 -17.79
C ASP A 557 -2.34 -11.38 -17.63
N ASP A 558 -1.42 -12.12 -16.99
CA ASP A 558 -1.35 -13.57 -17.17
C ASP A 558 -0.56 -14.22 -16.04
N ILE A 559 -1.20 -15.16 -15.31
CA ILE A 559 -0.64 -15.74 -14.08
C ILE A 559 0.64 -16.50 -14.46
N GLU A 560 0.55 -17.28 -15.54
CA GLU A 560 1.69 -18.12 -15.95
C GLU A 560 2.87 -17.27 -16.35
N TRP A 561 2.67 -16.19 -17.15
CA TRP A 561 3.76 -15.29 -17.50
C TRP A 561 4.46 -14.73 -16.26
N LEU A 562 3.70 -14.18 -15.30
CA LEU A 562 4.34 -13.52 -14.19
C LEU A 562 5.11 -14.51 -13.29
N LEU A 563 4.50 -15.69 -12.96
CA LEU A 563 5.13 -16.71 -12.13
C LEU A 563 6.39 -17.25 -12.82
N SER A 564 6.29 -17.48 -14.13
CA SER A 564 7.46 -18.07 -14.79
C SER A 564 8.57 -17.04 -14.95
N THR A 565 8.21 -15.75 -15.12
CA THR A 565 9.18 -14.67 -15.13
C THR A 565 9.92 -14.56 -13.81
N ARG A 566 9.20 -14.56 -12.66
CA ARG A 566 9.86 -14.43 -11.37
C ARG A 566 10.71 -15.69 -11.08
N GLU A 567 10.26 -16.85 -11.57
CA GLU A 567 11.03 -18.10 -11.39
C GLU A 567 12.37 -18.08 -12.16
N LYS A 568 12.31 -17.53 -13.37
CA LYS A 568 13.52 -17.33 -14.19
C LYS A 568 14.49 -16.38 -13.52
N ILE A 569 13.99 -15.28 -12.92
CA ILE A 569 14.83 -14.32 -12.22
C ILE A 569 15.50 -14.97 -11.02
N ASN A 570 14.72 -15.81 -10.31
CA ASN A 570 15.24 -16.50 -9.14
C ASN A 570 16.35 -17.52 -9.52
N ARG A 571 16.17 -18.22 -10.64
CA ARG A 571 17.11 -19.24 -11.11
C ARG A 571 18.40 -18.54 -11.59
N ALA A 572 18.27 -17.39 -12.26
CA ALA A 572 19.42 -16.61 -12.72
C ALA A 572 20.18 -16.08 -11.52
N ILE A 573 19.47 -15.71 -10.43
CA ILE A 573 20.17 -15.31 -9.20
C ILE A 573 20.92 -16.52 -8.59
N LYS A 574 20.25 -17.65 -8.52
CA LYS A 574 20.82 -18.85 -7.95
C LYS A 574 22.10 -19.22 -8.73
N ASP A 575 22.02 -19.15 -10.06
CA ASP A 575 23.10 -19.58 -10.94
C ASP A 575 24.22 -18.54 -11.08
N ALA A 576 24.07 -17.29 -10.56
CA ALA A 576 25.04 -16.23 -10.79
C ALA A 576 26.37 -16.45 -10.09
N TYR A 577 27.47 -16.09 -10.78
CA TYR A 577 28.80 -16.15 -10.24
C TYR A 577 28.96 -15.03 -9.22
N ARG A 578 29.35 -15.33 -7.98
CA ARG A 578 29.21 -14.33 -6.92
C ARG A 578 30.57 -13.96 -6.37
N ALA A 579 30.71 -12.67 -6.01
CA ALA A 579 31.83 -12.19 -5.25
C ALA A 579 31.50 -12.38 -3.77
#